data_1P0M
#
_entry.id   1P0M
#
_cell.length_a   154.657
_cell.length_b   154.657
_cell.length_c   128.570
_cell.angle_alpha   90.00
_cell.angle_beta   90.00
_cell.angle_gamma   90.00
#
_symmetry.space_group_name_H-M   'I 4 2 2'
#
loop_
_entity.id
_entity.type
_entity.pdbx_description
1 polymer Cholinesterase
2 branched 2-acetamido-2-deoxy-beta-D-glucopyranose-(1-4)-[alpha-L-fucopyranose-(1-6)]2-acetamido-2-deoxy-beta-D-glucopyranose
3 non-polymer 2-acetamido-2-deoxy-beta-D-glucopyranose
4 non-polymer 'SULFATE ION'
5 non-polymer 'CHLORIDE ION'
6 non-polymer '2-(N-MORPHOLINO)-ETHANESULFONIC ACID'
7 non-polymer 'CHOLINE ION'
8 non-polymer GLYCEROL
9 water water
#
_entity_poly.entity_id   1
_entity_poly.type   'polypeptide(L)'
_entity_poly.pdbx_seq_one_letter_code
;EDDIIIATKNGKVRGMQLTVFGGTVTAFLGIPYAQPPLGRLRFKKPQSLTKWSDIWNATKYANSCCQNIDQSFPGFHGSE
MWNPNTDLSEDCLYLNVWIPAPKPKNATVLIWIYGGGFQTGTSSLHVYDGKFLARVERVIVVSMNYRVGALGFLALPGNP
EAPGNMGLFDQQLALQWVQKNIAAFGGNPKSVTLFGESAGAASVSLHLLSPGSHSLFTRAILQSGSFNAPWAVTSLYEAR
NRTLNLAKLTGCSRENETEIIKCLRNKDPQEILLNEAFVVPYGTPLSVNFGPTVDGDFLTDMPDILLELGQFKKTQILVG
VNKDEGTAFLVYGAPGFSKDNNSIITRKEFQEGLKIFFPGVSEFGKESILFHYTDWVDDQRPENYREALGDVVGDYNFIC
PALEFTKKFSEWGNNAFFYYFEHRSSKLPWPEWMGVMHGYEIEFVFGLPLERRDQYTKAEEILSRSIVKRWANFAKYGNP
QETQNQSTSWPVFKSTEQKYLTLNTESTRIMTKLRAQQCRFWTSFFPKV
;
_entity_poly.pdbx_strand_id   A
#
loop_
_chem_comp.id
_chem_comp.type
_chem_comp.name
_chem_comp.formula
CHT non-polymer 'CHOLINE ION' 'C5 H14 N O 1'
CL non-polymer 'CHLORIDE ION' 'Cl -1'
FUC L-saccharide, alpha linking alpha-L-fucopyranose 'C6 H12 O5'
GOL non-polymer GLYCEROL 'C3 H8 O3'
MES non-polymer '2-(N-MORPHOLINO)-ETHANESULFONIC ACID' 'C6 H13 N O4 S'
NAG D-saccharide, beta linking 2-acetamido-2-deoxy-beta-D-glucopyranose 'C8 H15 N O6'
SO4 non-polymer 'SULFATE ION' 'O4 S -2'
#
# COMPACT_ATOMS: atom_id res chain seq x y z
N ILE A 4 -7.72 16.67 24.67
CA ILE A 4 -8.77 16.35 25.68
C ILE A 4 -8.99 14.85 25.86
N ILE A 5 -10.09 14.48 26.49
CA ILE A 5 -10.40 13.07 26.74
C ILE A 5 -11.64 12.67 25.97
N ILE A 6 -11.55 11.55 25.25
CA ILE A 6 -12.67 11.04 24.48
C ILE A 6 -13.07 9.69 25.07
N ALA A 7 -14.36 9.47 25.26
CA ALA A 7 -14.83 8.20 25.80
C ALA A 7 -15.16 7.24 24.67
N THR A 8 -14.44 6.12 24.59
CA THR A 8 -14.67 5.14 23.54
C THR A 8 -15.36 3.91 24.12
N LYS A 9 -15.86 3.04 23.25
CA LYS A 9 -16.57 1.84 23.68
C LYS A 9 -15.82 1.02 24.72
N ASN A 10 -14.50 0.97 24.63
CA ASN A 10 -13.69 0.19 25.57
C ASN A 10 -12.99 0.98 26.67
N GLY A 11 -13.16 2.29 26.69
CA GLY A 11 -12.52 3.07 27.74
C GLY A 11 -12.17 4.47 27.29
N LYS A 12 -11.65 5.27 28.21
CA LYS A 12 -11.26 6.64 27.89
C LYS A 12 -9.84 6.73 27.33
N VAL A 13 -9.62 7.70 26.45
CA VAL A 13 -8.31 7.88 25.85
C VAL A 13 -7.98 9.36 25.84
N ARG A 14 -6.71 9.68 26.08
CA ARG A 14 -6.25 11.06 26.12
C ARG A 14 -5.36 11.37 24.91
N GLY A 15 -5.58 12.52 24.29
CA GLY A 15 -4.77 12.89 23.15
C GLY A 15 -3.83 14.02 23.49
N MET A 16 -3.36 14.72 22.47
CA MET A 16 -2.44 15.84 22.64
C MET A 16 -2.73 16.88 21.57
N GLN A 17 -2.55 18.15 21.90
CA GLN A 17 -2.80 19.21 20.93
C GLN A 17 -1.55 19.44 20.13
N LEU A 18 -1.73 19.76 18.85
CA LEU A 18 -0.59 20.01 17.99
C LEU A 18 -0.82 21.30 17.27
N THR A 19 0.25 22.09 17.10
CA THR A 19 0.14 23.35 16.40
C THR A 19 0.46 23.12 14.93
N VAL A 20 -0.50 23.44 14.08
CA VAL A 20 -0.33 23.25 12.64
C VAL A 20 -0.86 24.45 11.86
N PHE A 21 0.01 25.08 11.09
CA PHE A 21 -0.40 26.22 10.28
C PHE A 21 -1.28 27.22 11.04
N GLY A 22 -0.74 27.81 12.09
CA GLY A 22 -1.49 28.78 12.88
C GLY A 22 -2.81 28.26 13.41
N GLY A 23 -2.93 26.95 13.54
CA GLY A 23 -4.17 26.38 14.03
C GLY A 23 -3.85 25.23 14.95
N THR A 24 -4.82 24.36 15.19
CA THR A 24 -4.62 23.22 16.08
C THR A 24 -5.27 21.92 15.62
N VAL A 25 -4.55 20.83 15.81
CA VAL A 25 -5.08 19.51 15.48
C VAL A 25 -4.92 18.64 16.71
N THR A 26 -5.94 17.83 17.01
CA THR A 26 -5.89 16.92 18.16
C THR A 26 -5.49 15.53 17.70
N ALA A 27 -4.42 15.00 18.28
CA ALA A 27 -3.94 13.69 17.90
C ALA A 27 -4.04 12.64 18.98
N PHE A 28 -4.50 11.46 18.59
CA PHE A 28 -4.57 10.35 19.53
C PHE A 28 -3.70 9.29 18.88
N LEU A 29 -2.43 9.26 19.28
CA LEU A 29 -1.47 8.31 18.74
C LEU A 29 -1.33 7.07 19.62
N GLY A 30 -1.48 5.90 19.00
CA GLY A 30 -1.33 4.65 19.70
C GLY A 30 -2.50 4.03 20.44
N ILE A 31 -3.71 4.13 19.89
CA ILE A 31 -4.88 3.57 20.54
C ILE A 31 -4.91 2.08 20.23
N PRO A 32 -5.06 1.23 21.25
CA PRO A 32 -5.10 -0.20 20.94
C PRO A 32 -6.46 -0.54 20.34
N TYR A 33 -6.49 -1.47 19.39
CA TYR A 33 -7.76 -1.86 18.79
C TYR A 33 -7.97 -3.36 18.82
N ALA A 34 -7.03 -4.07 19.43
CA ALA A 34 -7.13 -5.51 19.52
C ALA A 34 -6.24 -6.07 20.61
N GLN A 35 -6.50 -7.32 20.99
CA GLN A 35 -5.71 -8.00 22.02
C GLN A 35 -4.35 -8.27 21.41
N PRO A 36 -3.26 -7.92 22.12
CA PRO A 36 -1.93 -8.17 21.55
C PRO A 36 -1.88 -9.62 21.08
N PRO A 37 -1.45 -9.84 19.82
CA PRO A 37 -1.39 -11.21 19.28
C PRO A 37 -0.15 -12.01 19.70
N LEU A 38 0.02 -12.16 21.02
CA LEU A 38 1.18 -12.87 21.57
C LEU A 38 0.87 -14.30 22.01
N GLY A 39 1.93 -15.06 22.23
CA GLY A 39 1.82 -16.44 22.70
C GLY A 39 0.98 -17.38 21.84
N ARG A 40 -0.10 -17.89 22.45
CA ARG A 40 -1.00 -18.80 21.77
C ARG A 40 -1.77 -18.06 20.69
N LEU A 41 -1.81 -16.73 20.80
CA LEU A 41 -2.52 -15.88 19.84
C LEU A 41 -1.69 -15.54 18.60
N ARG A 42 -0.41 -15.93 18.59
CA ARG A 42 0.41 -15.66 17.41
C ARG A 42 -0.13 -16.47 16.25
N PHE A 43 -0.21 -15.84 15.08
CA PHE A 43 -0.70 -16.46 13.85
C PHE A 43 -2.22 -16.53 13.75
N LYS A 44 -2.92 -16.19 14.83
CA LYS A 44 -4.38 -16.21 14.83
C LYS A 44 -4.99 -14.87 14.47
N LYS A 45 -6.24 -14.89 14.02
CA LYS A 45 -6.95 -13.68 13.67
C LYS A 45 -6.98 -12.84 14.93
N PRO A 46 -7.01 -11.52 14.78
CA PRO A 46 -7.03 -10.63 15.94
C PRO A 46 -8.27 -10.87 16.81
N GLN A 47 -8.11 -10.83 18.13
CA GLN A 47 -9.21 -11.04 19.06
C GLN A 47 -9.71 -9.72 19.63
N SER A 48 -10.97 -9.69 20.04
CA SER A 48 -11.58 -8.48 20.58
C SER A 48 -10.79 -8.01 21.79
N LEU A 49 -10.85 -6.70 22.04
CA LEU A 49 -10.14 -6.08 23.15
C LEU A 49 -11.02 -5.97 24.39
N THR A 50 -10.38 -6.04 25.57
CA THR A 50 -11.11 -5.94 26.82
C THR A 50 -11.17 -4.51 27.36
N LYS A 51 -12.38 -4.07 27.68
CA LYS A 51 -12.61 -2.74 28.22
C LYS A 51 -11.67 -2.48 29.37
N TRP A 52 -11.19 -1.25 29.46
CA TRP A 52 -10.30 -0.86 30.53
C TRP A 52 -10.92 0.34 31.23
N SER A 53 -10.25 0.76 32.29
CA SER A 53 -10.66 1.92 33.04
C SER A 53 -9.37 2.71 33.21
N ASP A 54 -9.48 3.94 33.68
CA ASP A 54 -8.33 4.81 33.83
C ASP A 54 -8.33 5.45 32.45
N ILE A 55 -7.36 6.32 32.19
CA ILE A 55 -7.31 6.96 30.89
C ILE A 55 -6.12 6.51 30.08
N TRP A 56 -6.38 5.84 28.97
CA TRP A 56 -5.30 5.38 28.10
C TRP A 56 -4.68 6.59 27.42
N ASN A 57 -3.36 6.71 27.54
CA ASN A 57 -2.66 7.84 26.95
C ASN A 57 -2.20 7.58 25.53
N ALA A 58 -2.90 8.17 24.57
CA ALA A 58 -2.55 8.04 23.17
C ALA A 58 -1.80 9.31 22.80
N THR A 59 -0.57 9.41 23.30
CA THR A 59 0.23 10.61 23.05
C THR A 59 1.51 10.36 22.27
N LYS A 60 1.72 9.12 21.83
CA LYS A 60 2.91 8.78 21.06
C LYS A 60 2.63 7.53 20.24
N TYR A 61 3.31 7.39 19.12
CA TYR A 61 3.14 6.24 18.27
C TYR A 61 3.48 4.96 19.02
N ALA A 62 2.71 3.91 18.80
CA ALA A 62 2.95 2.66 19.49
C ALA A 62 4.00 1.85 18.75
N ASN A 63 4.27 0.63 19.23
CA ASN A 63 5.25 -0.23 18.58
C ASN A 63 4.82 -0.57 17.15
N SER A 64 5.81 -0.79 16.30
CA SER A 64 5.60 -1.17 14.91
C SER A 64 5.66 -2.70 14.95
N CYS A 65 4.99 -3.37 14.02
CA CYS A 65 5.01 -4.81 13.98
C CYS A 65 6.36 -5.37 13.54
N CYS A 66 6.65 -6.58 13.99
CA CYS A 66 7.93 -7.22 13.65
C CYS A 66 8.14 -7.26 12.13
N GLN A 67 9.37 -7.03 11.69
CA GLN A 67 9.64 -7.04 10.26
C GLN A 67 11.13 -6.92 9.99
N ASN A 68 11.56 -7.39 8.82
CA ASN A 68 12.96 -7.26 8.46
C ASN A 68 13.11 -5.84 7.96
N ILE A 69 14.29 -5.27 8.14
CA ILE A 69 14.53 -3.89 7.73
C ILE A 69 15.41 -3.79 6.48
N ASP A 70 15.25 -2.70 5.76
CA ASP A 70 16.04 -2.48 4.55
C ASP A 70 17.43 -1.98 4.97
N GLN A 71 18.45 -2.84 4.82
CA GLN A 71 19.81 -2.45 5.19
C GLN A 71 20.73 -2.28 3.98
N SER A 72 20.15 -2.16 2.80
CA SER A 72 20.93 -1.99 1.58
C SER A 72 21.69 -0.69 1.48
N PHE A 73 21.24 0.35 2.18
CA PHE A 73 21.90 1.65 2.12
C PHE A 73 21.98 2.36 3.48
N PRO A 74 22.72 1.79 4.44
CA PRO A 74 22.85 2.41 5.76
C PRO A 74 23.19 3.90 5.63
N GLY A 75 22.56 4.71 6.46
CA GLY A 75 22.81 6.15 6.44
C GLY A 75 22.20 6.93 5.29
N PHE A 76 21.55 6.24 4.34
CA PHE A 76 20.93 6.93 3.22
C PHE A 76 19.43 7.18 3.53
N HIS A 77 19.02 8.44 3.43
CA HIS A 77 17.64 8.79 3.72
C HIS A 77 16.65 8.21 2.73
N GLY A 78 17.10 7.99 1.49
CA GLY A 78 16.24 7.45 0.45
C GLY A 78 15.58 6.14 0.84
N SER A 79 16.33 5.26 1.49
CA SER A 79 15.81 3.98 1.92
C SER A 79 15.43 3.94 3.39
N GLU A 80 16.13 4.71 4.20
CA GLU A 80 15.86 4.70 5.63
C GLU A 80 14.59 5.41 6.05
N MET A 81 14.09 6.29 5.18
CA MET A 81 12.84 6.99 5.45
C MET A 81 11.64 6.01 5.43
N TRP A 82 11.85 4.79 4.97
CA TRP A 82 10.79 3.78 4.92
C TRP A 82 10.90 2.74 6.03
N ASN A 83 12.04 2.73 6.70
CA ASN A 83 12.27 1.80 7.82
C ASN A 83 11.48 2.24 9.05
N PRO A 84 11.08 1.28 9.90
CA PRO A 84 10.31 1.56 11.14
C PRO A 84 11.01 2.61 12.00
N ASN A 85 10.23 3.54 12.53
CA ASN A 85 10.79 4.61 13.36
C ASN A 85 10.21 4.45 14.75
N THR A 86 9.87 3.22 15.08
CA THR A 86 9.30 2.90 16.37
C THR A 86 9.75 1.47 16.70
N ASP A 87 9.89 1.16 17.99
CA ASP A 87 10.28 -0.19 18.43
C ASP A 87 9.43 -1.26 17.75
N LEU A 88 10.08 -2.35 17.34
CA LEU A 88 9.37 -3.47 16.73
C LEU A 88 8.89 -4.37 17.86
N SER A 89 7.76 -5.01 17.66
CA SER A 89 7.21 -5.88 18.68
C SER A 89 5.97 -6.56 18.16
N GLU A 90 5.67 -7.74 18.68
CA GLU A 90 4.47 -8.47 18.26
C GLU A 90 3.25 -7.72 18.79
N ASP A 91 3.43 -7.00 19.89
CA ASP A 91 2.37 -6.19 20.47
C ASP A 91 2.40 -4.88 19.64
N CYS A 92 1.71 -4.91 18.50
CA CYS A 92 1.74 -3.77 17.59
C CYS A 92 0.39 -3.39 16.99
N LEU A 93 -0.69 -3.96 17.51
CA LEU A 93 -2.00 -3.64 16.96
C LEU A 93 -2.62 -2.37 17.52
N TYR A 94 -2.12 -1.23 17.02
CA TYR A 94 -2.60 0.08 17.45
C TYR A 94 -2.95 0.95 16.24
N LEU A 95 -3.70 2.01 16.48
CA LEU A 95 -4.09 2.93 15.43
C LEU A 95 -3.98 4.38 15.90
N ASN A 96 -3.98 5.30 14.95
CA ASN A 96 -3.85 6.71 15.24
C ASN A 96 -5.02 7.52 14.70
N VAL A 97 -5.37 8.60 15.39
CA VAL A 97 -6.47 9.46 14.97
C VAL A 97 -6.08 10.94 15.06
N TRP A 98 -6.33 11.65 13.96
CA TRP A 98 -6.05 13.08 13.89
C TRP A 98 -7.40 13.70 13.62
N ILE A 99 -7.82 14.64 14.47
CA ILE A 99 -9.10 15.28 14.28
C ILE A 99 -8.97 16.78 14.30
N PRO A 100 -9.74 17.47 13.45
CA PRO A 100 -9.69 18.93 13.37
C PRO A 100 -10.07 19.57 14.68
N ALA A 101 -9.55 20.78 14.91
CA ALA A 101 -9.86 21.52 16.13
C ALA A 101 -10.28 22.88 15.64
N PRO A 102 -11.43 23.38 16.12
CA PRO A 102 -12.29 22.71 17.10
C PRO A 102 -12.93 21.43 16.56
N LYS A 103 -13.24 20.53 17.48
CA LYS A 103 -13.85 19.25 17.17
C LYS A 103 -14.88 19.42 16.07
N PRO A 104 -14.85 18.53 15.06
CA PRO A 104 -15.81 18.60 13.96
C PRO A 104 -17.14 18.00 14.42
N LYS A 105 -18.19 18.24 13.64
CA LYS A 105 -19.50 17.73 14.00
C LYS A 105 -19.86 16.40 13.33
N ASN A 106 -19.46 16.22 12.08
CA ASN A 106 -19.78 14.99 11.35
C ASN A 106 -18.79 14.85 10.17
N ALA A 107 -17.52 14.89 10.48
CA ALA A 107 -16.45 14.84 9.48
C ALA A 107 -16.19 13.52 8.75
N THR A 108 -15.89 13.64 7.46
CA THR A 108 -15.58 12.50 6.62
C THR A 108 -14.27 11.92 7.17
N VAL A 109 -14.14 10.60 7.12
CA VAL A 109 -12.95 9.93 7.64
C VAL A 109 -12.08 9.27 6.58
N LEU A 110 -10.78 9.54 6.65
N LEU A 110 -10.79 9.55 6.64
CA LEU A 110 -9.83 8.96 5.72
CA LEU A 110 -9.83 8.97 5.71
C LEU A 110 -8.96 7.96 6.48
C LEU A 110 -8.96 7.97 6.47
N ILE A 111 -9.02 6.70 6.07
CA ILE A 111 -8.24 5.65 6.72
C ILE A 111 -7.10 5.17 5.85
N TRP A 112 -5.87 5.41 6.32
CA TRP A 112 -4.67 5.02 5.59
C TRP A 112 -4.16 3.62 5.91
N ILE A 113 -3.73 2.93 4.86
CA ILE A 113 -3.20 1.56 4.99
C ILE A 113 -1.87 1.61 4.27
N TYR A 114 -0.77 1.57 5.02
CA TYR A 114 0.56 1.64 4.44
C TYR A 114 0.94 0.40 3.63
N GLY A 115 1.87 0.61 2.71
CA GLY A 115 2.36 -0.48 1.91
C GLY A 115 3.70 -1.01 2.43
N GLY A 116 4.36 -1.84 1.64
CA GLY A 116 5.61 -2.41 2.07
C GLY A 116 5.63 -3.88 1.75
N GLY A 117 5.06 -4.23 0.60
CA GLY A 117 5.01 -5.60 0.15
C GLY A 117 4.42 -6.62 1.11
N PHE A 118 3.62 -6.16 2.07
CA PHE A 118 3.03 -7.07 3.07
C PHE A 118 4.10 -7.67 3.98
N GLN A 119 5.35 -7.20 3.88
CA GLN A 119 6.45 -7.73 4.70
C GLN A 119 6.96 -6.64 5.64
N THR A 120 6.75 -5.38 5.25
CA THR A 120 7.21 -4.26 6.04
C THR A 120 6.21 -3.07 6.08
N GLY A 121 6.63 -1.99 6.73
CA GLY A 121 5.82 -0.79 6.83
C GLY A 121 5.27 -0.52 8.22
N THR A 122 4.86 0.71 8.44
CA THR A 122 4.29 1.11 9.72
C THR A 122 3.62 2.47 9.55
N SER A 123 2.61 2.72 10.36
CA SER A 123 1.85 3.96 10.27
C SER A 123 2.52 5.20 10.83
N SER A 124 3.56 5.00 11.64
CA SER A 124 4.26 6.13 12.26
C SER A 124 5.27 6.85 11.39
N LEU A 125 5.42 6.45 10.13
CA LEU A 125 6.36 7.13 9.26
C LEU A 125 6.03 8.60 9.10
N HIS A 126 7.08 9.39 8.99
CA HIS A 126 7.01 10.84 8.83
C HIS A 126 6.10 11.26 7.66
N VAL A 127 6.10 10.45 6.61
CA VAL A 127 5.29 10.75 5.44
C VAL A 127 3.83 10.34 5.51
N TYR A 128 3.43 9.68 6.61
CA TYR A 128 2.02 9.28 6.78
C TYR A 128 1.37 10.12 7.88
N ASP A 129 2.01 11.22 8.27
CA ASP A 129 1.47 12.10 9.32
C ASP A 129 0.18 12.78 8.86
N GLY A 130 -0.94 12.38 9.44
CA GLY A 130 -2.21 12.95 9.03
C GLY A 130 -2.64 14.28 9.57
N LYS A 131 -1.75 15.00 10.25
CA LYS A 131 -2.14 16.28 10.82
C LYS A 131 -2.41 17.38 9.79
N PHE A 132 -1.68 17.37 8.68
CA PHE A 132 -1.87 18.36 7.63
C PHE A 132 -3.26 18.26 7.03
N LEU A 133 -3.68 17.04 6.69
CA LEU A 133 -5.01 16.81 6.11
C LEU A 133 -6.12 17.21 7.08
N ALA A 134 -5.95 16.88 8.36
CA ALA A 134 -6.95 17.24 9.37
C ALA A 134 -7.06 18.77 9.45
N ARG A 135 -5.91 19.41 9.51
CA ARG A 135 -5.83 20.84 9.58
C ARG A 135 -6.40 21.54 8.35
N VAL A 136 -5.84 21.23 7.18
CA VAL A 136 -6.24 21.86 5.93
C VAL A 136 -7.63 21.56 5.35
N GLU A 137 -8.05 20.29 5.37
CA GLU A 137 -9.36 19.93 4.81
C GLU A 137 -10.46 19.59 5.80
N ARG A 138 -10.12 19.63 7.08
CA ARG A 138 -11.06 19.32 8.16
C ARG A 138 -11.63 17.91 8.09
N VAL A 139 -10.80 16.96 7.72
CA VAL A 139 -11.24 15.58 7.69
C VAL A 139 -10.54 14.90 8.88
N ILE A 140 -11.06 13.75 9.27
CA ILE A 140 -10.44 13.00 10.34
C ILE A 140 -9.59 11.96 9.63
N VAL A 141 -8.33 11.80 10.05
CA VAL A 141 -7.43 10.82 9.46
C VAL A 141 -7.11 9.70 10.45
N VAL A 142 -7.24 8.47 9.98
CA VAL A 142 -6.95 7.31 10.81
C VAL A 142 -5.99 6.39 10.08
N SER A 143 -5.03 5.85 10.82
CA SER A 143 -4.07 4.90 10.28
C SER A 143 -3.83 3.80 11.32
N MET A 144 -3.49 2.60 10.85
CA MET A 144 -3.27 1.48 11.76
C MET A 144 -2.08 0.61 11.40
N ASN A 145 -1.53 -0.08 12.41
CA ASN A 145 -0.44 -1.00 12.17
C ASN A 145 -1.12 -2.37 12.06
N TYR A 146 -0.68 -3.17 11.09
CA TYR A 146 -1.24 -4.50 10.92
C TYR A 146 -0.06 -5.43 10.74
N ARG A 147 -0.20 -6.69 11.14
CA ARG A 147 0.89 -7.65 11.03
C ARG A 147 1.32 -7.90 9.58
N VAL A 148 2.62 -7.98 9.38
CA VAL A 148 3.21 -8.23 8.08
C VAL A 148 4.09 -9.46 8.13
N GLY A 149 4.58 -9.88 6.97
CA GLY A 149 5.42 -11.07 6.90
C GLY A 149 4.68 -12.34 7.32
N ALA A 150 5.44 -13.34 7.75
CA ALA A 150 4.83 -14.59 8.16
C ALA A 150 3.92 -14.44 9.37
N LEU A 151 4.28 -13.56 10.30
CA LEU A 151 3.44 -13.37 11.48
C LEU A 151 2.06 -12.83 11.08
N GLY A 152 2.01 -12.19 9.90
CA GLY A 152 0.77 -11.61 9.42
C GLY A 152 0.05 -12.36 8.31
N PHE A 153 0.77 -13.20 7.57
CA PHE A 153 0.16 -13.94 6.47
C PHE A 153 0.50 -15.43 6.33
N LEU A 154 1.19 -16.01 7.29
CA LEU A 154 1.53 -17.43 7.19
C LEU A 154 0.20 -18.16 6.99
N ALA A 155 0.17 -19.12 6.08
CA ALA A 155 -1.10 -19.77 5.82
C ALA A 155 -1.15 -21.29 5.81
N LEU A 156 -2.20 -21.80 6.44
CA LEU A 156 -2.52 -23.22 6.52
C LEU A 156 -4.04 -23.18 6.33
N PRO A 157 -4.50 -22.97 5.08
CA PRO A 157 -5.92 -22.90 4.73
C PRO A 157 -6.82 -23.85 5.49
N GLY A 158 -7.80 -23.26 6.18
CA GLY A 158 -8.73 -24.06 6.95
C GLY A 158 -8.38 -24.20 8.43
N ASN A 159 -7.10 -24.03 8.75
CA ASN A 159 -6.64 -24.15 10.14
C ASN A 159 -6.66 -22.81 10.87
N PRO A 160 -7.51 -22.68 11.90
CA PRO A 160 -7.61 -21.44 12.69
C PRO A 160 -6.33 -21.04 13.42
N GLU A 161 -5.40 -21.99 13.56
CA GLU A 161 -4.13 -21.71 14.23
C GLU A 161 -3.28 -20.82 13.35
N ALA A 162 -3.53 -20.90 12.05
CA ALA A 162 -2.78 -20.13 11.07
C ALA A 162 -3.55 -20.17 9.75
N PRO A 163 -4.69 -19.46 9.70
CA PRO A 163 -5.56 -19.41 8.52
C PRO A 163 -5.09 -18.56 7.34
N GLY A 164 -4.20 -17.61 7.59
CA GLY A 164 -3.73 -16.74 6.54
C GLY A 164 -4.52 -15.44 6.59
N ASN A 165 -3.98 -14.41 5.95
CA ASN A 165 -4.63 -13.09 5.85
C ASN A 165 -4.84 -12.36 7.17
N MET A 166 -4.19 -12.82 8.23
CA MET A 166 -4.33 -12.20 9.53
C MET A 166 -4.11 -10.68 9.48
N GLY A 167 -3.13 -10.23 8.70
CA GLY A 167 -2.86 -8.80 8.61
C GLY A 167 -4.03 -8.06 8.00
N LEU A 168 -4.67 -8.67 7.01
CA LEU A 168 -5.85 -8.09 6.39
C LEU A 168 -6.97 -8.05 7.44
N PHE A 169 -7.09 -9.10 8.26
CA PHE A 169 -8.12 -9.07 9.32
C PHE A 169 -7.77 -8.00 10.37
N ASP A 170 -6.47 -7.70 10.57
CA ASP A 170 -6.07 -6.66 11.53
C ASP A 170 -6.67 -5.36 11.00
N GLN A 171 -6.41 -5.11 9.72
CA GLN A 171 -6.94 -3.92 9.05
C GLN A 171 -8.47 -3.84 9.24
N GLN A 172 -9.15 -4.95 8.96
CA GLN A 172 -10.60 -4.99 9.10
C GLN A 172 -11.06 -4.67 10.53
N LEU A 173 -10.35 -5.21 11.52
CA LEU A 173 -10.73 -4.94 12.90
C LEU A 173 -10.58 -3.44 13.17
N ALA A 174 -9.59 -2.81 12.56
CA ALA A 174 -9.39 -1.38 12.76
C ALA A 174 -10.51 -0.57 12.11
N LEU A 175 -11.00 -1.03 10.95
CA LEU A 175 -12.10 -0.35 10.26
C LEU A 175 -13.35 -0.45 11.15
N GLN A 176 -13.51 -1.59 11.81
CA GLN A 176 -14.64 -1.83 12.70
C GLN A 176 -14.56 -0.85 13.87
N TRP A 177 -13.36 -0.66 14.40
CA TRP A 177 -13.13 0.25 15.51
C TRP A 177 -13.63 1.63 15.12
N VAL A 178 -13.37 2.03 13.89
CA VAL A 178 -13.80 3.34 13.40
C VAL A 178 -15.31 3.37 13.32
N GLN A 179 -15.90 2.29 12.80
CA GLN A 179 -17.35 2.21 12.69
C GLN A 179 -17.99 2.40 14.07
N LYS A 180 -17.48 1.68 15.06
CA LYS A 180 -18.01 1.77 16.41
C LYS A 180 -17.57 2.95 17.29
N ASN A 181 -16.50 3.66 16.91
CA ASN A 181 -16.00 4.70 17.79
C ASN A 181 -15.76 6.10 17.24
N ILE A 182 -15.63 6.22 15.92
CA ILE A 182 -15.32 7.52 15.34
C ILE A 182 -16.34 8.61 15.59
N ALA A 183 -17.58 8.25 15.89
CA ALA A 183 -18.60 9.27 16.11
C ALA A 183 -18.20 10.07 17.32
N ALA A 184 -17.70 9.38 18.35
CA ALA A 184 -17.28 10.02 19.58
C ALA A 184 -16.18 11.05 19.35
N PHE A 185 -15.49 10.93 18.23
CA PHE A 185 -14.43 11.88 17.91
C PHE A 185 -14.89 12.96 16.98
N GLY A 186 -16.18 12.91 16.63
CA GLY A 186 -16.75 13.90 15.73
C GLY A 186 -16.66 13.49 14.27
N GLY A 187 -16.52 12.19 14.04
CA GLY A 187 -16.43 11.68 12.69
C GLY A 187 -17.69 10.98 12.26
N ASN A 188 -17.90 10.88 10.95
CA ASN A 188 -19.09 10.25 10.40
C ASN A 188 -18.77 8.85 9.90
N PRO A 189 -19.20 7.82 10.65
CA PRO A 189 -18.93 6.45 10.23
C PRO A 189 -19.59 6.07 8.91
N LYS A 190 -20.47 6.94 8.41
CA LYS A 190 -21.14 6.69 7.14
C LYS A 190 -20.38 7.30 5.95
N SER A 191 -19.33 8.06 6.25
CA SER A 191 -18.50 8.68 5.22
C SER A 191 -17.02 8.34 5.48
N VAL A 192 -16.65 7.10 5.18
CA VAL A 192 -15.30 6.61 5.37
C VAL A 192 -14.63 6.19 4.05
N THR A 193 -13.50 6.81 3.75
CA THR A 193 -12.78 6.46 2.53
C THR A 193 -11.46 5.84 2.91
N LEU A 194 -11.19 4.66 2.36
CA LEU A 194 -9.93 3.95 2.62
C LEU A 194 -8.96 4.37 1.54
N PHE A 195 -7.71 4.62 1.91
CA PHE A 195 -6.68 4.96 0.95
C PHE A 195 -5.35 4.38 1.40
N GLY A 196 -4.58 3.89 0.44
CA GLY A 196 -3.30 3.27 0.73
C GLY A 196 -2.39 3.27 -0.48
N GLU A 197 -1.15 2.81 -0.32
CA GLU A 197 -0.19 2.77 -1.42
C GLU A 197 0.49 1.42 -1.46
N SER A 198 0.88 1.00 -2.66
N SER A 198 0.89 0.99 -2.66
CA SER A 198 1.56 -0.29 -2.85
CA SER A 198 1.56 -0.31 -2.83
C SER A 198 0.68 -1.44 -2.28
C SER A 198 0.69 -1.45 -2.28
N ALA A 199 1.25 -2.23 -1.37
CA ALA A 199 0.53 -3.33 -0.78
C ALA A 199 -0.66 -2.79 -0.02
N GLY A 200 -0.55 -1.51 0.37
CA GLY A 200 -1.62 -0.82 1.05
C GLY A 200 -2.80 -0.69 0.09
N ALA A 201 -2.48 -0.28 -1.14
CA ALA A 201 -3.48 -0.13 -2.20
C ALA A 201 -4.03 -1.52 -2.52
N ALA A 202 -3.15 -2.54 -2.57
CA ALA A 202 -3.63 -3.89 -2.87
C ALA A 202 -4.60 -4.34 -1.76
N SER A 203 -4.32 -3.94 -0.53
CA SER A 203 -5.20 -4.29 0.58
C SER A 203 -6.55 -3.59 0.40
N VAL A 204 -6.52 -2.30 0.05
CA VAL A 204 -7.76 -1.57 -0.17
C VAL A 204 -8.59 -2.28 -1.23
N SER A 205 -7.96 -2.67 -2.34
CA SER A 205 -8.70 -3.36 -3.39
C SER A 205 -9.30 -4.70 -2.91
N LEU A 206 -8.65 -5.34 -1.95
CA LEU A 206 -9.13 -6.61 -1.41
C LEU A 206 -10.30 -6.37 -0.44
N HIS A 207 -10.33 -5.21 0.19
CA HIS A 207 -11.42 -4.89 1.07
C HIS A 207 -12.66 -4.67 0.21
N LEU A 208 -12.47 -4.20 -1.02
CA LEU A 208 -13.60 -3.99 -1.93
C LEU A 208 -14.19 -5.36 -2.29
N LEU A 209 -13.37 -6.42 -2.25
CA LEU A 209 -13.85 -7.75 -2.58
C LEU A 209 -14.34 -8.55 -1.39
N SER A 210 -13.92 -8.19 -0.18
CA SER A 210 -14.31 -8.98 0.99
C SER A 210 -15.65 -8.58 1.57
N PRO A 211 -16.63 -9.49 1.50
CA PRO A 211 -17.96 -9.21 2.02
C PRO A 211 -17.89 -8.63 3.44
N GLY A 212 -17.01 -9.18 4.26
CA GLY A 212 -16.86 -8.72 5.63
C GLY A 212 -16.46 -7.26 5.78
N SER A 213 -15.92 -6.67 4.73
CA SER A 213 -15.49 -5.27 4.81
C SER A 213 -16.47 -4.33 4.14
N HIS A 214 -17.40 -4.89 3.37
CA HIS A 214 -18.39 -4.10 2.63
C HIS A 214 -19.02 -2.97 3.44
N SER A 215 -19.49 -3.25 4.65
CA SER A 215 -20.15 -2.23 5.47
C SER A 215 -19.25 -1.36 6.35
N LEU A 216 -17.94 -1.53 6.21
CA LEU A 216 -17.02 -0.76 7.03
C LEU A 216 -16.41 0.46 6.35
N PHE A 217 -16.80 0.72 5.09
CA PHE A 217 -16.30 1.88 4.39
C PHE A 217 -17.18 2.33 3.23
N THR A 218 -16.98 3.55 2.76
CA THR A 218 -17.79 4.11 1.67
C THR A 218 -17.11 4.08 0.30
N ARG A 219 -15.94 4.70 0.21
CA ARG A 219 -15.18 4.78 -1.02
C ARG A 219 -13.73 4.30 -0.88
N ALA A 220 -13.00 4.22 -1.99
CA ALA A 220 -11.61 3.76 -1.98
C ALA A 220 -10.66 4.49 -2.93
N ILE A 221 -9.42 4.64 -2.47
CA ILE A 221 -8.34 5.29 -3.22
C ILE A 221 -7.18 4.30 -3.28
N LEU A 222 -6.75 3.97 -4.49
CA LEU A 222 -5.63 3.04 -4.70
C LEU A 222 -4.41 3.68 -5.38
N GLN A 223 -3.36 3.90 -4.58
CA GLN A 223 -2.13 4.51 -5.08
C GLN A 223 -1.04 3.47 -5.34
N SER A 224 -0.69 3.31 -6.62
CA SER A 224 0.32 2.33 -7.05
C SER A 224 0.14 0.91 -6.51
N GLY A 225 -1.01 0.32 -6.79
CA GLY A 225 -1.26 -1.03 -6.33
C GLY A 225 -2.69 -1.50 -6.45
N SER A 226 -2.87 -2.81 -6.62
CA SER A 226 -4.19 -3.43 -6.74
C SER A 226 -3.92 -4.93 -6.56
N PHE A 227 -4.91 -5.69 -6.12
N PHE A 227 -4.94 -5.68 -6.14
CA PHE A 227 -4.69 -7.11 -5.89
CA PHE A 227 -4.79 -7.12 -5.90
C PHE A 227 -4.24 -7.89 -7.13
C PHE A 227 -4.41 -7.96 -7.12
N ASN A 228 -4.62 -7.42 -8.31
CA ASN A 228 -4.26 -8.14 -9.53
C ASN A 228 -2.81 -7.97 -9.96
N ALA A 229 -2.01 -7.31 -9.11
CA ALA A 229 -0.60 -7.14 -9.40
C ALA A 229 0.01 -8.53 -9.19
N PRO A 230 1.00 -8.89 -10.02
CA PRO A 230 1.60 -10.22 -9.88
C PRO A 230 2.20 -10.54 -8.51
N TRP A 231 2.56 -9.52 -7.74
CA TRP A 231 3.17 -9.73 -6.42
C TRP A 231 2.17 -9.69 -5.27
N ALA A 232 0.91 -9.35 -5.56
CA ALA A 232 -0.09 -9.19 -4.50
C ALA A 232 -0.81 -10.38 -3.87
N VAL A 233 -0.93 -11.50 -4.57
CA VAL A 233 -1.63 -12.64 -3.98
C VAL A 233 -0.79 -13.90 -4.12
N THR A 234 -0.61 -14.59 -3.00
CA THR A 234 0.14 -15.82 -2.92
C THR A 234 -0.81 -16.98 -3.24
N SER A 235 -0.38 -17.88 -4.11
CA SER A 235 -1.22 -19.02 -4.46
C SER A 235 -1.16 -20.05 -3.33
N LEU A 236 -2.25 -20.80 -3.15
CA LEU A 236 -2.33 -21.82 -2.12
C LEU A 236 -1.17 -22.80 -2.20
N TYR A 237 -0.65 -22.97 -3.41
CA TYR A 237 0.47 -23.87 -3.66
C TYR A 237 1.72 -23.24 -3.05
N GLU A 238 2.02 -22.02 -3.46
CA GLU A 238 3.18 -21.32 -2.94
C GLU A 238 3.09 -21.24 -1.42
N ALA A 239 1.92 -20.85 -0.94
CA ALA A 239 1.70 -20.70 0.49
C ALA A 239 2.06 -21.94 1.28
N ARG A 240 1.63 -23.10 0.80
CA ARG A 240 1.92 -24.37 1.47
C ARG A 240 3.41 -24.67 1.49
N ASN A 241 4.03 -24.57 0.31
CA ASN A 241 5.45 -24.85 0.20
C ASN A 241 6.23 -23.93 1.11
N ARG A 242 5.77 -22.67 1.21
CA ARG A 242 6.43 -21.67 2.03
C ARG A 242 6.25 -21.89 3.53
N THR A 243 5.05 -22.28 3.94
CA THR A 243 4.82 -22.54 5.36
C THR A 243 5.70 -23.73 5.77
N LEU A 244 5.76 -24.73 4.90
CA LEU A 244 6.57 -25.90 5.17
C LEU A 244 8.06 -25.61 5.16
N ASN A 245 8.52 -24.79 4.22
CA ASN A 245 9.93 -24.42 4.16
C ASN A 245 10.31 -23.67 5.43
N LEU A 246 9.43 -22.80 5.91
CA LEU A 246 9.70 -22.06 7.13
C LEU A 246 9.81 -23.06 8.30
N ALA A 247 8.91 -24.06 8.30
CA ALA A 247 8.91 -25.09 9.32
C ALA A 247 10.26 -25.80 9.38
N LYS A 248 10.72 -26.31 8.24
CA LYS A 248 11.99 -27.02 8.19
C LYS A 248 13.13 -26.14 8.69
N LEU A 249 13.28 -24.97 8.09
CA LEU A 249 14.34 -24.04 8.45
C LEU A 249 14.41 -23.72 9.93
N THR A 250 13.32 -23.95 10.65
CA THR A 250 13.29 -23.66 12.07
C THR A 250 13.17 -24.93 12.88
N GLY A 251 13.38 -26.06 12.21
CA GLY A 251 13.28 -27.35 12.89
C GLY A 251 11.89 -27.61 13.44
N CYS A 252 10.87 -27.08 12.76
CA CYS A 252 9.50 -27.25 13.19
C CYS A 252 8.68 -28.23 12.35
N SER A 253 9.32 -28.91 11.40
CA SER A 253 8.60 -29.86 10.57
C SER A 253 8.00 -30.95 11.45
N ARG A 254 6.71 -31.20 11.30
CA ARG A 254 6.00 -32.21 12.07
C ARG A 254 4.90 -32.84 11.21
N GLU A 255 4.51 -34.08 11.54
CA GLU A 255 3.46 -34.77 10.79
C GLU A 255 2.14 -34.02 10.89
N ASN A 256 1.80 -33.61 12.11
CA ASN A 256 0.57 -32.87 12.39
C ASN A 256 0.79 -31.39 12.13
N GLU A 257 0.01 -30.82 11.21
CA GLU A 257 0.17 -29.41 10.85
C GLU A 257 -0.06 -28.44 11.99
N THR A 258 -0.97 -28.77 12.90
CA THR A 258 -1.24 -27.91 14.05
C THR A 258 -0.03 -27.95 14.99
N GLU A 259 0.70 -29.06 14.98
CA GLU A 259 1.89 -29.18 15.81
C GLU A 259 2.98 -28.29 15.21
N ILE A 260 2.93 -28.10 13.90
CA ILE A 260 3.91 -27.24 13.25
C ILE A 260 3.74 -25.84 13.82
N ILE A 261 2.50 -25.39 13.89
CA ILE A 261 2.18 -24.07 14.39
C ILE A 261 2.57 -23.91 15.85
N LYS A 262 2.25 -24.91 16.68
CA LYS A 262 2.57 -24.83 18.11
C LYS A 262 4.09 -24.66 18.27
N CYS A 263 4.82 -25.38 17.43
CA CYS A 263 6.26 -25.33 17.44
C CYS A 263 6.70 -23.92 17.07
N LEU A 264 6.15 -23.40 15.97
CA LEU A 264 6.49 -22.07 15.51
C LEU A 264 6.09 -21.01 16.53
N ARG A 265 5.16 -21.34 17.40
CA ARG A 265 4.73 -20.40 18.43
C ARG A 265 5.72 -20.31 19.59
N ASN A 266 6.73 -21.17 19.58
CA ASN A 266 7.75 -21.14 20.63
C ASN A 266 9.01 -20.43 20.16
N LYS A 267 9.17 -20.31 18.84
CA LYS A 267 10.32 -19.62 18.29
C LYS A 267 10.24 -18.12 18.59
N ASP A 268 11.38 -17.46 18.66
CA ASP A 268 11.40 -16.03 18.91
C ASP A 268 11.13 -15.31 17.61
N PRO A 269 10.46 -14.14 17.67
CA PRO A 269 10.14 -13.37 16.48
C PRO A 269 11.31 -13.28 15.51
N GLN A 270 12.52 -13.10 16.05
CA GLN A 270 13.72 -13.00 15.23
C GLN A 270 14.04 -14.24 14.40
N GLU A 271 13.85 -15.43 14.97
CA GLU A 271 14.15 -16.64 14.22
C GLU A 271 13.18 -16.79 13.07
N ILE A 272 11.95 -16.35 13.29
CA ILE A 272 10.95 -16.42 12.24
C ILE A 272 11.31 -15.39 11.17
N LEU A 273 11.69 -14.19 11.59
CA LEU A 273 12.04 -13.15 10.62
C LEU A 273 13.30 -13.52 9.83
N LEU A 274 14.26 -14.12 10.50
CA LEU A 274 15.52 -14.48 9.86
C LEU A 274 15.36 -15.50 8.73
N ASN A 275 14.39 -16.39 8.87
CA ASN A 275 14.18 -17.42 7.87
C ASN A 275 13.14 -17.16 6.79
N GLU A 276 12.38 -16.08 6.92
CA GLU A 276 11.36 -15.76 5.94
C GLU A 276 11.94 -15.56 4.55
N ALA A 277 13.14 -14.97 4.50
CA ALA A 277 13.80 -14.68 3.24
C ALA A 277 14.10 -15.92 2.40
N PHE A 278 14.49 -17.00 3.07
CA PHE A 278 14.85 -18.24 2.37
C PHE A 278 13.72 -19.24 2.07
N VAL A 279 12.48 -18.90 2.41
CA VAL A 279 11.38 -19.83 2.14
C VAL A 279 11.12 -20.00 0.64
N VAL A 280 11.65 -19.09 -0.17
CA VAL A 280 11.49 -19.17 -1.62
C VAL A 280 12.82 -19.51 -2.28
N PRO A 281 12.82 -20.51 -3.19
CA PRO A 281 14.06 -20.90 -3.87
C PRO A 281 14.83 -19.70 -4.44
N TYR A 282 14.17 -18.94 -5.29
CA TYR A 282 14.79 -17.76 -5.89
C TYR A 282 13.76 -16.65 -5.91
N GLY A 283 14.02 -15.59 -5.16
CA GLY A 283 13.08 -14.49 -5.12
C GLY A 283 13.58 -13.30 -5.92
N THR A 284 12.81 -12.22 -5.93
CA THR A 284 13.20 -11.02 -6.66
C THR A 284 13.11 -9.85 -5.71
N PRO A 285 13.62 -8.68 -6.12
CA PRO A 285 13.53 -7.54 -5.20
C PRO A 285 12.09 -7.10 -4.93
N LEU A 286 11.14 -7.79 -5.53
CA LEU A 286 9.72 -7.52 -5.37
C LEU A 286 9.03 -8.69 -4.70
N SER A 287 9.80 -9.68 -4.27
CA SER A 287 9.22 -10.86 -3.65
C SER A 287 8.40 -10.57 -2.42
N VAL A 288 7.26 -11.25 -2.36
CA VAL A 288 6.34 -11.13 -1.25
C VAL A 288 6.22 -12.54 -0.69
N ASN A 289 7.16 -12.91 0.15
CA ASN A 289 7.21 -14.25 0.72
C ASN A 289 5.90 -14.73 1.32
N PHE A 290 5.30 -13.87 2.15
CA PHE A 290 4.04 -14.19 2.82
C PHE A 290 3.01 -13.08 2.60
N GLY A 291 2.06 -13.33 1.71
CA GLY A 291 1.04 -12.32 1.46
C GLY A 291 -0.38 -12.82 1.50
N PRO A 292 -1.33 -12.08 0.92
CA PRO A 292 -2.74 -12.50 0.91
C PRO A 292 -2.91 -13.82 0.15
N THR A 293 -3.88 -14.60 0.57
CA THR A 293 -4.18 -15.89 -0.05
C THR A 293 -5.69 -16.04 -0.06
N VAL A 294 -6.17 -17.01 -0.82
CA VAL A 294 -7.59 -17.31 -0.87
C VAL A 294 -7.82 -18.22 0.35
N ASP A 295 -8.24 -17.60 1.44
CA ASP A 295 -8.46 -18.30 2.70
C ASP A 295 -9.87 -18.87 2.89
N GLY A 296 -10.80 -18.49 2.04
CA GLY A 296 -12.15 -18.98 2.20
C GLY A 296 -12.86 -18.25 3.32
N ASP A 297 -12.24 -17.20 3.82
CA ASP A 297 -12.85 -16.43 4.89
C ASP A 297 -12.90 -14.98 4.44
N PHE A 298 -11.74 -14.32 4.46
CA PHE A 298 -11.67 -12.94 4.03
C PHE A 298 -11.84 -12.92 2.50
N LEU A 299 -11.19 -13.86 1.83
CA LEU A 299 -11.24 -13.99 0.39
C LEU A 299 -11.87 -15.34 0.09
N THR A 300 -13.05 -15.33 -0.52
CA THR A 300 -13.75 -16.58 -0.80
C THR A 300 -13.47 -17.27 -2.10
N ASP A 301 -12.68 -16.66 -2.97
CA ASP A 301 -12.39 -17.27 -4.26
C ASP A 301 -11.22 -16.51 -4.87
N MET A 302 -10.61 -17.03 -5.91
CA MET A 302 -9.51 -16.31 -6.54
C MET A 302 -10.03 -14.92 -6.88
N PRO A 303 -9.39 -13.86 -6.35
CA PRO A 303 -9.83 -12.50 -6.64
C PRO A 303 -10.03 -12.10 -8.10
N ASP A 304 -9.22 -12.63 -8.99
CA ASP A 304 -9.39 -12.32 -10.41
C ASP A 304 -10.79 -12.71 -10.86
N ILE A 305 -11.25 -13.90 -10.46
CA ILE A 305 -12.58 -14.38 -10.82
C ILE A 305 -13.65 -13.41 -10.30
N LEU A 306 -13.51 -12.98 -9.05
CA LEU A 306 -14.47 -12.06 -8.42
C LEU A 306 -14.54 -10.73 -9.14
N LEU A 307 -13.38 -10.24 -9.57
CA LEU A 307 -13.31 -8.98 -10.28
C LEU A 307 -13.99 -9.13 -11.64
N GLU A 308 -13.55 -10.14 -12.39
CA GLU A 308 -14.12 -10.39 -13.72
C GLU A 308 -15.64 -10.56 -13.73
N LEU A 309 -16.20 -11.16 -12.67
CA LEU A 309 -17.63 -11.39 -12.61
C LEU A 309 -18.40 -10.40 -11.75
N GLY A 310 -17.84 -9.21 -11.59
CA GLY A 310 -18.48 -8.15 -10.82
C GLY A 310 -18.88 -8.42 -9.38
N GLN A 311 -18.16 -9.28 -8.68
CA GLN A 311 -18.48 -9.56 -7.31
C GLN A 311 -17.64 -8.66 -6.38
N PHE A 312 -18.07 -7.42 -6.19
CA PHE A 312 -17.35 -6.49 -5.32
C PHE A 312 -18.22 -5.30 -4.93
N LYS A 313 -17.79 -4.57 -3.91
CA LYS A 313 -18.55 -3.43 -3.42
C LYS A 313 -18.70 -2.38 -4.51
N LYS A 314 -19.94 -2.00 -4.79
CA LYS A 314 -20.22 -1.00 -5.81
C LYS A 314 -20.08 0.38 -5.22
N THR A 315 -19.05 1.11 -5.66
CA THR A 315 -18.80 2.45 -5.18
C THR A 315 -17.79 3.10 -6.09
N GLN A 316 -17.45 4.36 -5.82
CA GLN A 316 -16.49 5.08 -6.65
C GLN A 316 -15.08 4.75 -6.20
N ILE A 317 -14.15 4.75 -7.16
CA ILE A 317 -12.75 4.49 -6.85
C ILE A 317 -11.85 5.49 -7.55
N LEU A 318 -10.75 5.81 -6.89
CA LEU A 318 -9.78 6.72 -7.43
C LEU A 318 -8.52 5.87 -7.47
N VAL A 319 -7.98 5.70 -8.67
CA VAL A 319 -6.77 4.88 -8.89
C VAL A 319 -5.70 5.67 -9.63
N GLY A 320 -4.43 5.33 -9.37
CA GLY A 320 -3.34 6.03 -10.03
C GLY A 320 -1.99 5.35 -9.88
N VAL A 321 -1.02 5.82 -10.65
CA VAL A 321 0.33 5.29 -10.60
C VAL A 321 1.33 6.40 -10.89
N ASN A 322 2.59 6.13 -10.62
CA ASN A 322 3.66 7.09 -10.85
C ASN A 322 4.41 6.77 -12.14
N LYS A 323 4.95 7.81 -12.78
CA LYS A 323 5.67 7.69 -14.04
C LYS A 323 6.80 6.66 -14.05
N ASP A 324 7.56 6.56 -12.96
CA ASP A 324 8.69 5.62 -12.91
C ASP A 324 8.61 4.62 -11.77
N GLU A 325 7.52 3.87 -11.72
CA GLU A 325 7.26 2.86 -10.68
C GLU A 325 8.34 1.80 -10.51
N GLY A 326 8.96 1.39 -11.62
CA GLY A 326 9.98 0.35 -11.56
C GLY A 326 11.41 0.65 -11.14
N THR A 327 11.89 1.87 -11.35
CA THR A 327 13.28 2.21 -11.03
C THR A 327 13.77 1.82 -9.63
N ALA A 328 13.02 2.18 -8.60
CA ALA A 328 13.41 1.87 -7.23
C ALA A 328 13.90 0.46 -7.01
N PHE A 329 13.33 -0.51 -7.70
CA PHE A 329 13.74 -1.89 -7.51
C PHE A 329 14.99 -2.32 -8.27
N LEU A 330 15.38 -1.55 -9.26
CA LEU A 330 16.55 -1.89 -10.06
C LEU A 330 17.86 -1.93 -9.27
N VAL A 331 17.96 -1.08 -8.24
CA VAL A 331 19.18 -1.04 -7.44
C VAL A 331 19.26 -2.06 -6.32
N TYR A 332 18.27 -2.94 -6.24
CA TYR A 332 18.24 -3.99 -5.23
C TYR A 332 18.51 -5.35 -5.88
N GLY A 333 19.37 -5.38 -6.89
CA GLY A 333 19.69 -6.66 -7.52
C GLY A 333 20.04 -6.70 -8.99
N ALA A 334 19.58 -5.71 -9.76
CA ALA A 334 19.88 -5.67 -11.18
C ALA A 334 21.35 -5.33 -11.46
N PRO A 335 22.04 -6.17 -12.25
CA PRO A 335 23.44 -5.92 -12.56
C PRO A 335 23.66 -4.64 -13.34
N GLY A 336 24.69 -3.90 -12.95
CA GLY A 336 25.02 -2.65 -13.62
C GLY A 336 24.32 -1.43 -13.07
N PHE A 337 23.42 -1.63 -12.11
CA PHE A 337 22.69 -0.51 -11.53
C PHE A 337 23.26 -0.02 -10.21
N SER A 338 23.13 1.27 -9.98
CA SER A 338 23.63 1.86 -8.74
C SER A 338 23.03 3.25 -8.58
N LYS A 339 22.65 3.58 -7.36
CA LYS A 339 22.07 4.90 -7.12
C LYS A 339 23.19 5.97 -7.19
N ASP A 340 24.43 5.50 -7.28
CA ASP A 340 25.55 6.43 -7.29
C ASP A 340 26.19 6.76 -8.65
N ASN A 341 25.59 6.30 -9.74
CA ASN A 341 26.05 6.63 -11.09
C ASN A 341 24.86 6.56 -12.02
N ASN A 342 25.04 7.00 -13.27
CA ASN A 342 23.95 7.04 -14.25
C ASN A 342 23.40 5.68 -14.70
N SER A 343 23.98 4.61 -14.17
CA SER A 343 23.54 3.25 -14.48
C SER A 343 23.29 2.90 -15.95
N ILE A 344 24.19 3.33 -16.85
CA ILE A 344 24.05 2.99 -18.27
C ILE A 344 24.39 1.51 -18.36
N ILE A 345 23.43 0.68 -18.76
CA ILE A 345 23.68 -0.74 -18.86
C ILE A 345 23.64 -1.25 -20.30
N THR A 346 24.17 -2.45 -20.50
CA THR A 346 24.22 -3.06 -21.83
C THR A 346 23.11 -4.05 -22.05
N ARG A 347 22.98 -4.53 -23.28
CA ARG A 347 21.97 -5.51 -23.65
C ARG A 347 22.15 -6.73 -22.72
N LYS A 348 23.41 -7.15 -22.57
CA LYS A 348 23.73 -8.30 -21.74
C LYS A 348 23.27 -8.08 -20.29
N GLU A 349 23.42 -6.87 -19.80
CA GLU A 349 23.01 -6.58 -18.42
C GLU A 349 21.49 -6.53 -18.33
N PHE A 350 20.87 -5.95 -19.34
CA PHE A 350 19.42 -5.89 -19.42
C PHE A 350 18.89 -7.32 -19.35
N GLN A 351 19.50 -8.20 -20.16
CA GLN A 351 19.10 -9.61 -20.20
C GLN A 351 19.27 -10.26 -18.84
N GLU A 352 20.40 -10.01 -18.19
CA GLU A 352 20.64 -10.57 -16.87
C GLU A 352 19.60 -9.96 -15.94
N GLY A 353 19.26 -8.70 -16.20
CA GLY A 353 18.27 -8.00 -15.40
C GLY A 353 16.96 -8.75 -15.40
N LEU A 354 16.52 -9.17 -16.59
CA LEU A 354 15.28 -9.91 -16.70
C LEU A 354 15.32 -11.20 -15.88
N LYS A 355 16.49 -11.82 -15.80
CA LYS A 355 16.63 -13.05 -15.02
C LYS A 355 16.34 -12.76 -13.56
N ILE A 356 16.84 -11.63 -13.06
CA ILE A 356 16.62 -11.23 -11.68
C ILE A 356 15.14 -10.99 -11.40
N PHE A 357 14.45 -10.32 -12.32
CA PHE A 357 13.05 -10.02 -12.13
C PHE A 357 12.05 -11.08 -12.60
N PHE A 358 12.48 -11.98 -13.48
CA PHE A 358 11.58 -13.03 -13.95
C PHE A 358 12.26 -14.39 -13.86
N PRO A 359 12.59 -14.82 -12.62
CA PRO A 359 13.26 -16.08 -12.31
C PRO A 359 12.72 -17.40 -12.89
N GLY A 360 11.46 -17.69 -12.62
CA GLY A 360 10.90 -18.94 -13.13
C GLY A 360 10.24 -18.86 -14.49
N VAL A 361 10.58 -17.83 -15.26
CA VAL A 361 10.00 -17.65 -16.59
C VAL A 361 10.85 -18.32 -17.67
N SER A 362 10.18 -18.96 -18.61
CA SER A 362 10.84 -19.65 -19.71
C SER A 362 11.77 -18.70 -20.45
N GLU A 363 12.67 -19.28 -21.23
CA GLU A 363 13.61 -18.48 -21.99
C GLU A 363 12.85 -17.67 -23.02
N PHE A 364 11.79 -18.28 -23.57
CA PHE A 364 10.97 -17.62 -24.58
C PHE A 364 10.26 -16.41 -23.97
N GLY A 365 9.70 -16.59 -22.78
CA GLY A 365 9.04 -15.49 -22.11
C GLY A 365 9.97 -14.29 -21.95
N LYS A 366 11.21 -14.52 -21.55
CA LYS A 366 12.13 -13.41 -21.38
C LYS A 366 12.47 -12.74 -22.71
N GLU A 367 12.57 -13.53 -23.77
CA GLU A 367 12.88 -13.00 -25.10
C GLU A 367 11.75 -12.11 -25.57
N SER A 368 10.52 -12.56 -25.30
CA SER A 368 9.35 -11.79 -25.69
C SER A 368 9.31 -10.44 -24.97
N ILE A 369 9.82 -10.38 -23.74
CA ILE A 369 9.86 -9.11 -23.01
C ILE A 369 10.89 -8.22 -23.69
N LEU A 370 12.04 -8.80 -24.01
CA LEU A 370 13.09 -8.04 -24.67
C LEU A 370 12.66 -7.54 -26.04
N PHE A 371 11.95 -8.38 -26.79
CA PHE A 371 11.48 -7.99 -28.13
C PHE A 371 10.50 -6.82 -28.06
N HIS A 372 9.58 -6.88 -27.10
CA HIS A 372 8.59 -5.84 -26.93
C HIS A 372 9.19 -4.53 -26.44
N TYR A 373 10.18 -4.60 -25.56
CA TYR A 373 10.78 -3.38 -25.05
C TYR A 373 12.06 -2.84 -25.68
N THR A 374 12.62 -3.54 -26.67
CA THR A 374 13.86 -3.06 -27.27
C THR A 374 13.76 -2.54 -28.70
N ASP A 375 12.55 -2.15 -29.11
CA ASP A 375 12.39 -1.62 -30.45
C ASP A 375 12.68 -0.14 -30.39
N TRP A 376 13.97 0.17 -30.22
CA TRP A 376 14.48 1.53 -30.12
C TRP A 376 13.91 2.51 -31.14
N VAL A 377 13.44 3.65 -30.62
CA VAL A 377 12.85 4.72 -31.42
C VAL A 377 13.91 5.76 -31.77
N GLN A 380 20.59 3.86 -30.65
CA GLN A 380 21.18 5.20 -30.52
C GLN A 380 21.68 5.53 -29.12
N ARG A 381 20.76 6.04 -28.33
CA ARG A 381 21.00 6.49 -26.95
C ARG A 381 21.56 5.44 -26.00
N PRO A 382 22.51 5.85 -25.15
CA PRO A 382 23.18 4.99 -24.16
C PRO A 382 22.29 4.52 -23.01
N GLU A 383 21.20 5.23 -22.73
CA GLU A 383 20.34 4.81 -21.65
C GLU A 383 19.09 4.05 -22.07
N ASN A 384 19.03 3.58 -23.32
CA ASN A 384 17.87 2.82 -23.79
C ASN A 384 17.58 1.63 -22.89
N TYR A 385 18.57 0.77 -22.69
CA TYR A 385 18.37 -0.41 -21.86
C TYR A 385 18.08 -0.09 -20.39
N ARG A 386 18.69 0.97 -19.87
CA ARG A 386 18.45 1.33 -18.47
C ARG A 386 16.98 1.69 -18.29
N GLU A 387 16.47 2.51 -19.20
CA GLU A 387 15.10 2.96 -19.15
C GLU A 387 14.11 1.86 -19.47
N ALA A 388 14.53 0.94 -20.33
CA ALA A 388 13.65 -0.16 -20.72
C ALA A 388 13.39 -1.12 -19.58
N LEU A 389 14.43 -1.47 -18.82
CA LEU A 389 14.27 -2.39 -17.70
C LEU A 389 13.34 -1.79 -16.63
N GLY A 390 13.46 -0.48 -16.42
CA GLY A 390 12.63 0.19 -15.44
C GLY A 390 11.17 0.12 -15.87
N ASP A 391 10.90 0.45 -17.13
CA ASP A 391 9.54 0.41 -17.63
C ASP A 391 9.00 -1.00 -17.58
N VAL A 392 9.87 -1.96 -17.83
CA VAL A 392 9.47 -3.35 -17.79
C VAL A 392 8.98 -3.71 -16.39
N VAL A 393 9.76 -3.35 -15.38
CA VAL A 393 9.40 -3.66 -14.01
C VAL A 393 8.16 -2.88 -13.54
N GLY A 394 8.07 -1.63 -13.97
CA GLY A 394 6.95 -0.81 -13.56
C GLY A 394 5.63 -1.16 -14.24
N ASP A 395 5.67 -1.45 -15.55
CA ASP A 395 4.46 -1.80 -16.29
C ASP A 395 3.92 -3.14 -15.82
N TYR A 396 4.80 -4.11 -15.67
CA TYR A 396 4.40 -5.45 -15.27
C TYR A 396 3.91 -5.47 -13.84
N ASN A 397 4.66 -4.86 -12.94
CA ASN A 397 4.27 -4.89 -11.53
C ASN A 397 3.27 -3.87 -11.05
N PHE A 398 3.13 -2.74 -11.72
CA PHE A 398 2.19 -1.75 -11.20
C PHE A 398 1.19 -1.07 -12.12
N ILE A 399 1.71 -0.47 -13.20
CA ILE A 399 0.89 0.28 -14.12
C ILE A 399 -0.19 -0.52 -14.85
N CYS A 400 0.21 -1.58 -15.52
CA CYS A 400 -0.74 -2.40 -16.24
C CYS A 400 -1.79 -3.06 -15.33
N PRO A 401 -1.39 -3.61 -14.18
CA PRO A 401 -2.39 -4.23 -13.28
C PRO A 401 -3.38 -3.19 -12.78
N ALA A 402 -2.89 -1.99 -12.48
CA ALA A 402 -3.77 -0.92 -11.98
C ALA A 402 -4.78 -0.53 -13.05
N LEU A 403 -4.32 -0.38 -14.29
CA LEU A 403 -5.22 -0.03 -15.39
C LEU A 403 -6.26 -1.14 -15.58
N GLU A 404 -5.82 -2.38 -15.62
CA GLU A 404 -6.74 -3.49 -15.80
C GLU A 404 -7.78 -3.50 -14.68
N PHE A 405 -7.34 -3.29 -13.45
CA PHE A 405 -8.24 -3.26 -12.32
C PHE A 405 -9.31 -2.19 -12.51
N THR A 406 -8.86 -1.00 -12.91
CA THR A 406 -9.75 0.13 -13.12
C THR A 406 -10.78 -0.15 -14.21
N LYS A 407 -10.30 -0.63 -15.36
CA LYS A 407 -11.15 -0.97 -16.47
C LYS A 407 -12.21 -2.00 -16.05
N LYS A 408 -11.76 -3.07 -15.41
CA LYS A 408 -12.68 -4.13 -14.99
C LYS A 408 -13.70 -3.67 -13.96
N PHE A 409 -13.27 -2.82 -13.04
CA PHE A 409 -14.15 -2.33 -11.99
C PHE A 409 -15.19 -1.39 -12.57
N SER A 410 -14.76 -0.47 -13.43
CA SER A 410 -15.68 0.49 -14.02
C SER A 410 -16.72 -0.15 -14.92
N GLU A 411 -16.38 -1.30 -15.49
CA GLU A 411 -17.29 -2.01 -16.37
C GLU A 411 -18.58 -2.43 -15.68
N TRP A 412 -18.63 -2.28 -14.36
CA TRP A 412 -19.85 -2.62 -13.67
C TRP A 412 -20.69 -1.45 -13.20
N GLY A 413 -20.52 -0.31 -13.85
CA GLY A 413 -21.34 0.82 -13.52
C GLY A 413 -20.81 1.99 -12.71
N ASN A 414 -19.85 1.77 -11.81
CA ASN A 414 -19.35 2.85 -10.98
C ASN A 414 -18.34 3.83 -11.58
N ASN A 415 -18.41 5.07 -11.10
CA ASN A 415 -17.47 6.09 -11.54
C ASN A 415 -16.07 5.74 -11.01
N ALA A 416 -15.09 5.90 -11.86
CA ALA A 416 -13.70 5.63 -11.53
C ALA A 416 -12.85 6.77 -12.09
N PHE A 417 -11.83 7.15 -11.36
CA PHE A 417 -10.95 8.24 -11.79
C PHE A 417 -9.54 7.71 -11.71
N PHE A 418 -8.78 7.97 -12.76
CA PHE A 418 -7.43 7.47 -12.85
C PHE A 418 -6.45 8.59 -13.06
N TYR A 419 -5.35 8.58 -12.30
CA TYR A 419 -4.32 9.61 -12.45
C TYR A 419 -2.93 9.05 -12.81
N TYR A 420 -2.10 9.91 -13.37
CA TYR A 420 -0.74 9.55 -13.74
C TYR A 420 0.12 10.61 -13.08
N PHE A 421 0.74 10.25 -11.97
CA PHE A 421 1.59 11.19 -11.23
C PHE A 421 2.99 11.29 -11.87
N GLU A 422 3.34 12.46 -12.40
CA GLU A 422 4.66 12.58 -13.03
C GLU A 422 5.58 13.68 -12.50
N HIS A 423 5.43 14.07 -11.24
CA HIS A 423 6.28 15.11 -10.69
C HIS A 423 7.37 14.52 -9.80
N ARG A 424 8.61 14.90 -10.06
CA ARG A 424 9.73 14.40 -9.25
C ARG A 424 10.01 15.38 -8.13
N SER A 425 9.88 14.92 -6.89
CA SER A 425 10.14 15.75 -5.72
C SER A 425 11.47 16.50 -5.85
N SER A 426 11.50 17.77 -5.46
CA SER A 426 12.74 18.55 -5.53
C SER A 426 13.72 18.08 -4.46
N LYS A 427 13.18 17.39 -3.46
CA LYS A 427 13.98 16.87 -2.34
C LYS A 427 14.29 15.36 -2.44
N LEU A 428 13.94 14.75 -3.57
CA LEU A 428 14.20 13.32 -3.76
C LEU A 428 15.67 13.01 -3.52
N PRO A 429 15.97 12.08 -2.60
CA PRO A 429 17.34 11.69 -2.27
C PRO A 429 17.98 10.82 -3.35
N TRP A 430 17.13 10.11 -4.10
CA TRP A 430 17.61 9.21 -5.14
C TRP A 430 18.06 9.99 -6.39
N PRO A 431 18.93 9.40 -7.20
CA PRO A 431 19.43 10.08 -8.41
C PRO A 431 18.34 10.36 -9.45
N GLU A 432 18.55 11.40 -10.26
CA GLU A 432 17.61 11.80 -11.30
C GLU A 432 17.19 10.71 -12.27
N TRP A 433 18.08 9.79 -12.62
CA TRP A 433 17.73 8.75 -13.57
C TRP A 433 16.57 7.87 -13.11
N MET A 434 16.37 7.79 -11.80
CA MET A 434 15.27 6.98 -11.27
C MET A 434 13.92 7.67 -11.45
N GLY A 435 13.95 8.97 -11.77
CA GLY A 435 12.72 9.72 -12.01
C GLY A 435 11.65 9.81 -10.93
N VAL A 436 10.39 9.77 -11.36
CA VAL A 436 9.24 9.87 -10.44
C VAL A 436 9.03 8.48 -9.86
N MET A 437 9.70 8.24 -8.74
CA MET A 437 9.68 6.94 -8.08
C MET A 437 8.44 6.43 -7.37
N HIS A 438 8.44 5.12 -7.20
CA HIS A 438 7.42 4.38 -6.48
C HIS A 438 7.43 4.90 -5.04
N GLY A 439 6.27 5.34 -4.57
CA GLY A 439 6.13 5.83 -3.21
C GLY A 439 6.33 7.30 -3.01
N TYR A 440 6.75 8.02 -4.04
CA TYR A 440 6.99 9.44 -3.85
C TYR A 440 5.91 10.43 -4.21
N GLU A 441 4.66 9.97 -4.25
CA GLU A 441 3.57 10.90 -4.50
C GLU A 441 2.92 11.04 -3.12
N ILE A 442 3.25 10.08 -2.24
CA ILE A 442 2.71 10.04 -0.88
C ILE A 442 2.86 11.34 -0.12
N GLU A 443 4.07 11.89 -0.08
CA GLU A 443 4.30 13.13 0.64
C GLU A 443 3.44 14.27 0.10
N PHE A 444 3.03 14.21 -1.16
CA PHE A 444 2.19 15.24 -1.75
C PHE A 444 0.75 15.04 -1.33
N VAL A 445 0.34 13.78 -1.25
CA VAL A 445 -1.02 13.43 -0.82
C VAL A 445 -1.25 13.82 0.66
N PHE A 446 -0.22 13.64 1.49
CA PHE A 446 -0.33 13.98 2.91
C PHE A 446 -0.08 15.46 3.20
N GLY A 447 0.26 16.22 2.16
CA GLY A 447 0.45 17.65 2.30
C GLY A 447 1.69 18.18 2.96
N LEU A 448 2.77 17.41 2.92
CA LEU A 448 4.02 17.86 3.53
C LEU A 448 4.52 19.15 2.89
N PRO A 449 4.35 19.29 1.57
CA PRO A 449 4.83 20.52 0.93
C PRO A 449 4.02 21.77 1.30
N LEU A 450 2.94 21.59 2.05
CA LEU A 450 2.15 22.74 2.47
C LEU A 450 2.92 23.45 3.60
N GLU A 451 3.84 22.72 4.23
CA GLU A 451 4.68 23.25 5.29
C GLU A 451 5.88 23.96 4.65
N ARG A 452 5.85 25.28 4.71
CA ARG A 452 6.89 26.12 4.13
C ARG A 452 8.31 26.01 4.69
N ARG A 453 8.44 25.59 5.95
CA ARG A 453 9.78 25.45 6.55
C ARG A 453 10.69 24.48 5.80
N ASP A 454 10.11 23.61 4.96
CA ASP A 454 10.90 22.65 4.18
C ASP A 454 11.45 23.32 2.93
N TYR A 456 10.66 22.43 -0.12
CA TYR A 456 9.87 22.27 -1.34
C TYR A 456 9.62 23.61 -2.03
N THR A 457 9.58 23.59 -3.35
CA THR A 457 9.35 24.80 -4.13
C THR A 457 7.93 25.32 -3.98
N LYS A 458 7.65 26.48 -4.55
CA LYS A 458 6.31 27.06 -4.51
C LYS A 458 5.38 26.20 -5.39
N ALA A 459 5.90 25.81 -6.55
CA ALA A 459 5.15 24.99 -7.48
C ALA A 459 4.67 23.71 -6.79
N GLU A 460 5.50 23.17 -5.92
CA GLU A 460 5.16 21.96 -5.19
C GLU A 460 4.08 22.19 -4.15
N GLU A 461 4.05 23.38 -3.56
CA GLU A 461 3.03 23.69 -2.57
C GLU A 461 1.68 23.70 -3.27
N ILE A 462 1.65 24.38 -4.41
CA ILE A 462 0.44 24.50 -5.21
C ILE A 462 -0.07 23.10 -5.65
N LEU A 463 0.83 22.28 -6.17
CA LEU A 463 0.47 20.92 -6.60
C LEU A 463 -0.07 20.12 -5.43
N SER A 464 0.65 20.12 -4.31
CA SER A 464 0.19 19.36 -3.16
C SER A 464 -1.16 19.87 -2.66
N ARG A 465 -1.33 21.18 -2.72
CA ARG A 465 -2.57 21.79 -2.25
C ARG A 465 -3.76 21.30 -3.09
N SER A 466 -3.53 21.14 -4.38
N SER A 466 -3.52 21.14 -4.38
CA SER A 466 -4.61 20.69 -5.27
CA SER A 466 -4.56 20.69 -5.30
C SER A 466 -4.91 19.21 -5.05
C SER A 466 -4.90 19.23 -5.06
N ILE A 467 -3.87 18.39 -4.95
CA ILE A 467 -4.05 16.96 -4.73
C ILE A 467 -4.82 16.72 -3.44
N VAL A 468 -4.46 17.47 -2.40
CA VAL A 468 -5.13 17.36 -1.11
C VAL A 468 -6.60 17.68 -1.27
N LYS A 469 -6.88 18.78 -1.95
CA LYS A 469 -8.27 19.18 -2.19
C LYS A 469 -8.97 18.11 -3.03
N ARG A 470 -8.33 17.64 -4.10
CA ARG A 470 -8.96 16.59 -4.92
C ARG A 470 -9.23 15.30 -4.11
N TRP A 471 -8.26 14.88 -3.31
CA TRP A 471 -8.43 13.66 -2.51
C TRP A 471 -9.55 13.84 -1.48
N ALA A 472 -9.61 15.02 -0.89
CA ALA A 472 -10.64 15.30 0.11
C ALA A 472 -12.02 15.33 -0.54
N ASN A 473 -12.16 16.05 -1.66
CA ASN A 473 -13.45 16.10 -2.35
C ASN A 473 -13.90 14.71 -2.77
N PHE A 474 -12.96 13.86 -3.15
CA PHE A 474 -13.34 12.51 -3.52
C PHE A 474 -13.95 11.79 -2.32
N ALA A 475 -13.26 11.86 -1.17
CA ALA A 475 -13.72 11.21 0.05
C ALA A 475 -15.09 11.71 0.49
N LYS A 476 -15.26 13.03 0.50
CA LYS A 476 -16.51 13.64 0.94
C LYS A 476 -17.64 13.54 -0.06
N TYR A 477 -17.35 13.83 -1.32
CA TYR A 477 -18.38 13.84 -2.35
C TYR A 477 -18.32 12.80 -3.44
N GLY A 478 -17.26 12.00 -3.43
CA GLY A 478 -17.10 10.96 -4.44
C GLY A 478 -16.71 11.52 -5.80
N ASN A 479 -16.17 12.74 -5.82
CA ASN A 479 -15.76 13.39 -7.07
C ASN A 479 -14.46 14.16 -6.81
N PRO A 480 -13.33 13.69 -7.36
CA PRO A 480 -12.02 14.32 -7.17
C PRO A 480 -11.75 15.66 -7.89
N GLN A 481 -12.72 16.58 -7.84
CA GLN A 481 -12.52 17.87 -8.50
C GLN A 481 -11.93 18.93 -7.58
N GLU A 482 -11.37 19.98 -8.19
CA GLU A 482 -10.85 21.15 -7.47
C GLU A 482 -11.70 22.18 -8.21
N THR A 483 -12.84 22.51 -7.62
CA THR A 483 -13.81 23.41 -8.24
C THR A 483 -13.61 24.92 -8.19
N GLN A 484 -12.68 25.39 -7.38
CA GLN A 484 -12.50 26.84 -7.24
C GLN A 484 -11.48 27.58 -8.08
N ASN A 485 -10.33 27.00 -8.34
CA ASN A 485 -9.31 27.73 -9.09
C ASN A 485 -9.13 27.43 -10.56
N GLN A 486 -10.22 27.47 -11.32
CA GLN A 486 -10.15 27.21 -12.77
C GLN A 486 -9.19 26.06 -13.07
N SER A 487 -9.46 24.89 -12.47
CA SER A 487 -8.62 23.72 -12.67
C SER A 487 -9.19 22.80 -13.75
N THR A 488 -8.33 21.95 -14.30
CA THR A 488 -8.77 21.00 -15.32
C THR A 488 -9.76 20.06 -14.63
N SER A 489 -10.88 19.79 -15.29
CA SER A 489 -11.88 18.90 -14.73
C SER A 489 -11.39 17.47 -14.88
N TRP A 490 -11.55 16.66 -13.84
CA TRP A 490 -11.09 15.28 -13.87
C TRP A 490 -12.23 14.40 -14.39
N PRO A 491 -12.09 13.88 -15.62
CA PRO A 491 -13.12 13.03 -16.21
C PRO A 491 -13.14 11.63 -15.66
N VAL A 492 -14.33 11.04 -15.68
CA VAL A 492 -14.54 9.68 -15.24
C VAL A 492 -13.78 8.76 -16.23
N PHE A 493 -13.29 7.61 -15.73
CA PHE A 493 -12.56 6.65 -16.55
C PHE A 493 -13.51 5.55 -16.99
N LYS A 494 -13.66 5.41 -18.31
CA LYS A 494 -14.55 4.42 -18.88
C LYS A 494 -13.75 3.46 -19.75
N SER A 495 -14.21 2.21 -19.83
CA SER A 495 -13.53 1.18 -20.63
C SER A 495 -13.27 1.55 -22.08
N THR A 496 -14.10 2.43 -22.65
CA THR A 496 -13.90 2.82 -24.04
C THR A 496 -12.83 3.87 -24.22
N GLU A 497 -13.11 5.09 -23.79
CA GLU A 497 -12.17 6.21 -23.94
C GLU A 497 -10.97 6.16 -22.99
N GLN A 498 -11.14 5.54 -21.83
CA GLN A 498 -10.06 5.40 -20.84
C GLN A 498 -9.29 6.69 -20.62
N LYS A 499 -9.98 7.76 -20.24
CA LYS A 499 -9.33 9.04 -20.00
C LYS A 499 -8.73 9.04 -18.60
N TYR A 500 -7.60 9.72 -18.44
CA TYR A 500 -6.91 9.85 -17.14
C TYR A 500 -6.31 11.24 -17.02
N LEU A 501 -6.10 11.69 -15.80
CA LEU A 501 -5.54 13.01 -15.52
C LEU A 501 -4.07 12.92 -15.11
N THR A 502 -3.24 13.82 -15.66
CA THR A 502 -1.84 13.82 -15.27
C THR A 502 -1.64 14.84 -14.18
N LEU A 503 -0.81 14.50 -13.21
CA LEU A 503 -0.53 15.38 -12.09
C LEU A 503 0.93 15.81 -12.14
N ASN A 504 1.14 17.11 -12.28
CA ASN A 504 2.49 17.67 -12.30
C ASN A 504 2.39 19.16 -11.94
N THR A 505 3.52 19.83 -11.88
CA THR A 505 3.53 21.25 -11.55
C THR A 505 3.29 22.13 -12.79
N GLU A 506 3.78 21.67 -13.94
CA GLU A 506 3.66 22.41 -15.19
C GLU A 506 2.20 22.65 -15.55
N SER A 507 1.64 21.70 -16.31
CA SER A 507 0.24 21.79 -16.75
C SER A 507 -0.43 20.43 -16.67
N THR A 508 -1.57 20.36 -15.98
CA THR A 508 -2.30 19.12 -15.84
C THR A 508 -3.08 18.85 -17.12
N ARG A 509 -3.00 17.63 -17.63
CA ARG A 509 -3.70 17.30 -18.87
C ARG A 509 -4.59 16.07 -18.86
N ILE A 510 -5.57 16.07 -19.74
CA ILE A 510 -6.43 14.93 -19.88
C ILE A 510 -5.85 14.14 -21.04
N MET A 511 -5.53 12.88 -20.78
N MET A 511 -5.53 12.88 -20.78
CA MET A 511 -4.98 12.02 -21.81
CA MET A 511 -4.96 12.01 -21.79
C MET A 511 -5.78 10.74 -21.89
C MET A 511 -5.78 10.73 -21.89
N THR A 512 -5.44 9.89 -22.85
CA THR A 512 -6.17 8.64 -23.02
C THR A 512 -5.27 7.43 -23.22
N LYS A 513 -5.81 6.28 -22.84
CA LYS A 513 -5.17 4.99 -22.99
C LYS A 513 -3.70 4.91 -22.64
N LEU A 514 -3.40 5.11 -21.36
CA LEU A 514 -2.03 5.04 -20.83
C LEU A 514 -1.36 3.69 -21.15
N ARG A 515 -0.12 3.75 -21.64
CA ARG A 515 0.68 2.56 -21.95
C ARG A 515 -0.12 1.51 -22.73
N ALA A 516 -0.97 1.97 -23.64
CA ALA A 516 -1.82 1.06 -24.40
C ALA A 516 -1.08 -0.15 -24.97
N GLN A 517 -0.03 0.11 -25.74
CA GLN A 517 0.75 -0.96 -26.37
C GLN A 517 1.45 -1.87 -25.36
N GLN A 518 2.08 -1.27 -24.36
CA GLN A 518 2.80 -2.04 -23.34
C GLN A 518 1.89 -2.97 -22.54
N CYS A 519 0.73 -2.46 -22.15
CA CYS A 519 -0.17 -3.26 -21.35
C CYS A 519 -0.90 -4.37 -22.11
N ARG A 520 -1.03 -4.23 -23.42
CA ARG A 520 -1.67 -5.30 -24.19
C ARG A 520 -0.73 -6.50 -24.07
N PHE A 521 0.56 -6.21 -24.06
CA PHE A 521 1.57 -7.25 -23.93
C PHE A 521 1.49 -7.98 -22.59
N TRP A 522 1.48 -7.22 -21.50
CA TRP A 522 1.44 -7.79 -20.15
C TRP A 522 0.10 -8.41 -19.76
N THR A 523 -0.97 -7.73 -20.11
CA THR A 523 -2.30 -8.17 -19.77
C THR A 523 -2.84 -9.30 -20.63
N SER A 524 -2.64 -9.23 -21.95
CA SER A 524 -3.14 -10.27 -22.83
C SER A 524 -2.16 -11.42 -23.10
N PHE A 525 -0.97 -11.09 -23.59
CA PHE A 525 0.01 -12.11 -23.94
C PHE A 525 0.80 -12.79 -22.83
N PHE A 526 1.61 -12.02 -22.11
CA PHE A 526 2.45 -12.58 -21.07
C PHE A 526 1.83 -13.60 -20.12
N PRO A 527 0.56 -13.43 -19.75
CA PRO A 527 -0.04 -14.41 -18.84
C PRO A 527 0.00 -15.85 -19.35
N LYS A 528 0.14 -16.00 -20.67
CA LYS A 528 0.19 -17.31 -21.31
C LYS A 528 1.53 -18.06 -21.20
N VAL A 529 2.64 -17.35 -21.28
CA VAL A 529 3.97 -17.98 -21.21
C VAL A 529 4.24 -18.68 -19.88
C1 NAG B . 9.27 -25.73 -2.67
C2 NAG B . 9.73 -25.14 -4.02
C3 NAG B . 10.91 -25.94 -4.58
C4 NAG B . 12.03 -26.08 -3.53
C5 NAG B . 11.46 -26.63 -2.21
C6 NAG B . 12.48 -26.67 -1.08
C7 NAG B . 8.54 -24.28 -5.95
C8 NAG B . 7.54 -23.15 -5.77
N2 NAG B . 8.63 -25.18 -4.97
O3 NAG B . 11.43 -25.31 -5.74
O4 NAG B . 13.04 -26.98 -4.03
O5 NAG B . 10.36 -25.80 -1.74
O6 NAG B . 13.20 -25.42 -1.01
O7 NAG B . 9.23 -24.35 -6.96
C1 NAG B . 14.31 -26.45 -4.19
C2 NAG B . 15.35 -27.50 -3.77
C3 NAG B . 16.77 -26.97 -4.03
C4 NAG B . 16.91 -26.50 -5.47
C5 NAG B . 15.79 -25.51 -5.82
C6 NAG B . 15.80 -25.06 -7.27
C7 NAG B . 15.13 -29.06 -1.96
C8 NAG B . 16.16 -29.49 -0.91
N2 NAG B . 15.18 -27.80 -2.36
O3 NAG B . 17.72 -27.99 -3.75
O4 NAG B . 18.18 -25.88 -5.66
O5 NAG B . 14.49 -26.10 -5.57
O6 NAG B . 16.76 -24.03 -7.48
O7 NAG B . 14.30 -29.88 -2.38
C1 FUC B . 14.42 -25.55 -0.34
C2 FUC B . 15.33 -24.35 -0.63
C3 FUC B . 14.77 -23.09 0.05
C4 FUC B . 14.52 -23.33 1.54
C5 FUC B . 13.68 -24.60 1.76
C6 FUC B . 13.58 -24.97 3.23
O2 FUC B . 15.40 -24.13 -2.03
O3 FUC B . 15.70 -22.03 -0.10
O4 FUC B . 15.76 -23.46 2.22
O5 FUC B . 14.27 -25.72 1.08
C1 NAG C . 27.66 1.97 -11.55
C2 NAG C . 28.65 1.56 -12.64
C3 NAG C . 28.71 0.02 -12.79
C4 NAG C . 28.88 -0.68 -11.45
C5 NAG C . 27.87 -0.14 -10.45
C6 NAG C . 27.95 -0.73 -9.04
C7 NAG C . 28.70 3.33 -14.32
C8 NAG C . 29.96 3.90 -13.69
N2 NAG C . 28.25 2.14 -13.92
O3 NAG C . 29.78 -0.35 -13.64
O4 NAG C . 28.66 -2.09 -11.63
O5 NAG C . 27.99 1.28 -10.34
O6 NAG C . 29.33 -0.89 -8.65
O7 NAG C . 28.13 3.98 -15.19
C1 NAG C . 29.73 -2.94 -11.46
C2 NAG C . 29.20 -4.36 -11.20
C3 NAG C . 30.37 -5.35 -11.12
C4 NAG C . 31.20 -5.26 -12.40
C5 NAG C . 31.65 -3.81 -12.63
C6 NAG C . 32.36 -3.66 -13.96
C7 NAG C . 27.09 -4.45 -10.04
C8 NAG C . 26.32 -4.36 -8.73
N2 NAG C . 28.41 -4.38 -9.98
O3 NAG C . 29.87 -6.67 -10.99
O4 NAG C . 32.33 -6.11 -12.30
O5 NAG C . 30.51 -2.92 -12.67
O6 NAG C . 31.42 -3.39 -15.00
O7 NAG C . 26.48 -4.56 -11.11
C1 FUC C . 29.56 -0.51 -7.32
C2 FUC C . 31.02 -0.79 -6.93
C3 FUC C . 31.98 0.19 -7.65
C4 FUC C . 31.53 1.65 -7.47
C5 FUC C . 30.06 1.79 -7.87
C6 FUC C . 29.50 3.18 -7.66
O2 FUC C . 31.33 -2.13 -7.26
O3 FUC C . 33.29 0.03 -7.14
O4 FUC C . 31.70 2.05 -6.11
O5 FUC C . 29.26 0.88 -7.11
C1 NAG D . -23.68 12.50 9.60
C2 NAG D . -24.84 12.50 10.63
C3 NAG D . -25.77 11.29 10.38
C4 NAG D . -26.20 11.23 8.90
C5 NAG D . -24.94 11.24 8.02
C6 NAG D . -25.22 11.16 6.53
C7 NAG D . -24.65 13.31 12.89
C8 NAG D . -24.06 14.70 12.77
N2 NAG D . -24.29 12.42 11.97
O3 NAG D . -26.92 11.37 11.21
O4 NAG D . -26.96 10.05 8.66
O5 NAG D . -24.20 12.45 8.26
O6 NAG D . -24.01 10.94 5.79
O7 NAG D . -25.41 13.03 13.80
C1 NAG E . -1.31 9.39 31.46
C2 NAG E . -0.46 8.77 32.58
C3 NAG E . -0.71 9.52 33.90
C4 NAG E . -0.50 11.03 33.71
C5 NAG E . -1.36 11.53 32.53
C6 NAG E . -1.19 13.01 32.25
C7 NAG E . 0.18 6.44 32.65
C8 NAG E . 1.62 6.88 32.41
N2 NAG E . -0.77 7.36 32.74
O3 NAG E . 0.18 9.04 34.90
O4 NAG E . -0.89 11.73 34.88
O5 NAG E . -1.02 10.79 31.34
O6 NAG E . 0.06 13.30 31.64
O7 NAG E . -0.06 5.24 32.77
C1 NAG F . -6.83 28.38 -4.86
C2 NAG F . -5.94 27.48 -3.98
C3 NAG F . -5.32 28.22 -2.78
C4 NAG F . -4.77 29.59 -3.17
C5 NAG F . -5.86 30.35 -3.92
C6 NAG F . -5.49 31.78 -4.29
C7 NAG F . -6.52 25.13 -3.94
C8 NAG F . -7.42 24.03 -3.41
N2 NAG F . -6.72 26.36 -3.48
O3 NAG F . -4.30 27.43 -2.19
O4 NAG F . -4.42 30.30 -1.99
O5 NAG F . -6.19 29.64 -5.13
O6 NAG F . -5.41 31.96 -5.69
O7 NAG F . -5.64 24.87 -4.77
S SO4 G . -21.31 5.97 -9.34
O1 SO4 G . -22.21 5.94 -8.16
O2 SO4 G . -20.09 5.16 -9.07
O3 SO4 G . -20.93 7.38 -9.63
O4 SO4 G . -22.05 5.41 -10.51
CL CL H . 18.78 1.59 10.44
CL CL I . -4.84 23.10 -13.98
O1 MES J . 6.49 7.61 -19.45
C2 MES J . 7.11 7.80 -20.74
C3 MES J . 6.08 8.31 -21.75
N4 MES J . 4.77 8.56 -21.10
C5 MES J . 4.81 9.32 -19.83
C6 MES J . 5.99 8.86 -18.95
C7 MES J . 3.89 7.36 -21.06
C8 MES J . 2.85 7.46 -22.19
S MES J . 2.39 5.86 -22.92
O1S MES J . 3.59 5.41 -23.69
O2S MES J . 1.18 6.16 -23.79
O3S MES J . 2.06 4.98 -21.74
C4 CHT K . 9.47 2.08 -0.56
C5 CHT K . 8.42 1.69 0.49
C6 CHT K . 6.13 1.79 1.20
C7 CHT K . 6.81 3.07 -0.72
C8 CHT K . 6.69 0.66 -0.82
O6 CHT K . 9.29 1.31 -1.74
N1 CHT K . 7.02 1.81 0.03
C1 GOL L . 2.33 13.63 14.63
O1 GOL L . 1.28 14.35 14.05
C2 GOL L . 3.31 14.60 15.30
O2 GOL L . 3.96 15.39 14.29
C3 GOL L . 4.35 13.83 16.12
O3 GOL L . 3.81 13.57 17.41
C1 GOL M . 3.66 -13.34 -4.23
O1 GOL M . 3.18 -13.95 -3.05
C2 GOL M . 4.63 -14.28 -4.97
O2 GOL M . 5.96 -13.72 -4.93
C3 GOL M . 4.15 -14.45 -6.42
O3 GOL M . 5.12 -15.18 -7.16
#